data_3ZPN
#
_entry.id   3ZPN
#
_cell.length_a   57.060
_cell.length_b   57.060
_cell.length_c   183.320
_cell.angle_alpha   90.00
_cell.angle_beta   90.00
_cell.angle_gamma   90.00
#
_symmetry.space_group_name_H-M   'P 43'
#
loop_
_entity.id
_entity.type
_entity.pdbx_description
1 polymer 'PHOTOSYSTEM II REACTION CENTER PSB28 PROTEIN'
2 water water
#
_entity_poly.entity_id   1
_entity_poly.type   'polypeptide(L)'
_entity_poly.pdbx_seq_one_letter_code
;MRGSHHHHHHGLVPRGSVGAMAEIQFIRGINEEVVPDVRLTRARDGSSGQAMFYFDNPKIVQEGNLEVTGMYMVDEEGEI
VTRDVNAKFINGQPVAIEATYTMRSPQEWDRFIRFMDRYAASHGLGFQKSENS
;
_entity_poly.pdbx_strand_id   A,B,C,D
#
# COMPACT_ATOMS: atom_id res chain seq x y z
N ALA A 20 3.05 -0.78 -31.51
CA ALA A 20 2.77 -0.34 -30.14
C ALA A 20 3.79 0.71 -29.67
N MET A 21 3.28 1.67 -28.91
CA MET A 21 4.05 2.83 -28.48
C MET A 21 5.25 2.53 -27.56
N ALA A 22 5.00 2.06 -26.34
CA ALA A 22 6.07 1.83 -25.38
C ALA A 22 5.93 0.61 -24.47
N GLU A 23 7.02 -0.10 -24.25
CA GLU A 23 7.01 -1.26 -23.35
C GLU A 23 8.21 -1.28 -22.38
N ILE A 24 8.11 -2.10 -21.33
CA ILE A 24 9.21 -2.37 -20.42
C ILE A 24 9.67 -3.82 -20.59
N GLN A 25 10.97 -4.04 -20.67
CA GLN A 25 11.54 -5.40 -20.87
C GLN A 25 12.62 -5.73 -19.82
N PHE A 26 12.55 -6.94 -19.22
CA PHE A 26 13.65 -7.48 -18.41
C PHE A 26 14.71 -8.26 -19.20
N ILE A 27 14.27 -8.89 -20.29
CA ILE A 27 15.11 -9.56 -21.29
C ILE A 27 14.85 -8.82 -22.59
N ARG A 28 15.87 -8.36 -23.30
CA ARG A 28 15.63 -7.62 -24.55
C ARG A 28 14.80 -8.41 -25.56
N GLY A 29 13.74 -7.79 -26.10
CA GLY A 29 12.88 -8.45 -27.08
C GLY A 29 11.63 -9.10 -26.51
N ILE A 30 11.54 -9.19 -25.18
CA ILE A 30 10.38 -9.76 -24.49
C ILE A 30 9.68 -8.68 -23.65
N ASN A 31 8.46 -8.32 -24.02
CA ASN A 31 7.73 -7.32 -23.24
C ASN A 31 7.19 -7.93 -21.96
N GLU A 32 7.41 -7.22 -20.85
CA GLU A 32 6.88 -7.66 -19.56
C GLU A 32 5.40 -7.31 -19.46
N GLU A 33 4.56 -8.27 -19.08
CA GLU A 33 3.11 -8.06 -18.96
C GLU A 33 2.68 -7.34 -17.67
N VAL A 34 3.37 -7.63 -16.58
CA VAL A 34 3.03 -6.99 -15.30
C VAL A 34 3.38 -5.50 -15.31
N VAL A 35 2.41 -4.68 -14.93
CA VAL A 35 2.58 -3.24 -14.85
C VAL A 35 3.11 -2.89 -13.45
N PRO A 36 4.21 -2.14 -13.36
CA PRO A 36 4.78 -1.82 -12.04
C PRO A 36 4.05 -0.72 -11.28
N ASP A 37 4.22 -0.67 -9.96
CA ASP A 37 3.95 0.57 -9.22
C ASP A 37 5.15 1.47 -9.50
N VAL A 38 4.91 2.76 -9.73
CA VAL A 38 6.00 3.68 -10.08
C VAL A 38 6.08 4.87 -9.15
N ARG A 39 7.25 5.15 -8.60
CA ARG A 39 7.39 6.34 -7.78
C ARG A 39 8.39 7.30 -8.39
N LEU A 40 7.97 8.56 -8.51
CA LEU A 40 8.79 9.55 -9.18
C LEU A 40 9.16 10.65 -8.19
N THR A 41 10.46 10.90 -8.06
CA THR A 41 10.95 11.95 -7.17
C THR A 41 11.85 12.94 -7.89
N ARG A 42 12.00 14.11 -7.29
CA ARG A 42 12.86 15.15 -7.80
C ARG A 42 13.62 15.71 -6.61
N ALA A 43 14.93 15.88 -6.73
CA ALA A 43 15.68 16.46 -5.61
C ALA A 43 15.19 17.91 -5.37
N ARG A 44 15.18 18.38 -4.12
CA ARG A 44 14.64 19.75 -3.88
C ARG A 44 15.35 20.87 -4.65
N ASP A 45 16.65 20.72 -4.91
CA ASP A 45 17.38 21.76 -5.60
C ASP A 45 17.29 21.63 -7.13
N GLY A 46 16.58 20.61 -7.61
CA GLY A 46 16.38 20.40 -9.03
C GLY A 46 17.57 19.78 -9.75
N SER A 47 18.55 19.28 -8.99
CA SER A 47 19.77 18.74 -9.60
C SER A 47 19.65 17.32 -10.17
N SER A 48 18.81 16.48 -9.55
CA SER A 48 18.62 15.09 -10.04
C SER A 48 17.19 14.62 -9.85
N GLY A 49 16.85 13.49 -10.46
CA GLY A 49 15.55 12.90 -10.24
C GLY A 49 15.64 11.39 -10.25
N GLN A 50 14.62 10.72 -9.72
CA GLN A 50 14.62 9.26 -9.64
C GLN A 50 13.25 8.65 -9.90
N ALA A 51 13.23 7.56 -10.66
CA ALA A 51 12.03 6.75 -10.81
C ALA A 51 12.31 5.35 -10.26
N MET A 52 11.41 4.88 -9.40
CA MET A 52 11.53 3.57 -8.76
C MET A 52 10.36 2.69 -9.14
N PHE A 53 10.65 1.43 -9.45
CA PHE A 53 9.66 0.53 -10.02
C PHE A 53 9.48 -0.70 -9.15
N TYR A 54 8.25 -1.06 -8.89
CA TYR A 54 7.96 -2.28 -8.16
C TYR A 54 7.06 -3.17 -8.98
N PHE A 55 7.55 -4.36 -9.30
CA PHE A 55 6.80 -5.33 -10.06
C PHE A 55 6.36 -6.45 -9.12
N ASP A 56 5.04 -6.67 -9.02
CA ASP A 56 4.52 -7.75 -8.20
C ASP A 56 4.42 -9.02 -9.04
N ASN A 57 5.29 -9.98 -8.75
CA ASN A 57 5.39 -11.24 -9.49
C ASN A 57 5.33 -11.14 -11.01
N PRO A 58 6.33 -10.46 -11.63
CA PRO A 58 6.35 -10.24 -13.08
C PRO A 58 6.58 -11.56 -13.83
N LYS A 59 6.03 -11.68 -15.04
CA LYS A 59 6.11 -12.94 -15.79
C LYS A 59 7.51 -13.51 -15.90
N ILE A 60 8.51 -12.63 -16.02
CA ILE A 60 9.89 -13.05 -16.19
C ILE A 60 10.36 -13.87 -14.98
N VAL A 61 9.76 -13.62 -13.81
CA VAL A 61 10.06 -14.39 -12.61
C VAL A 61 9.25 -15.71 -12.57
N GLN A 62 8.00 -15.67 -13.03
CA GLN A 62 7.13 -16.84 -12.97
C GLN A 62 7.63 -17.95 -13.87
N GLU A 63 8.11 -17.57 -15.05
CA GLU A 63 8.60 -18.50 -16.06
C GLU A 63 10.05 -18.79 -15.72
N GLY A 64 10.71 -17.75 -15.22
CA GLY A 64 11.98 -17.83 -14.53
C GLY A 64 13.15 -18.58 -15.13
N ASN A 65 13.45 -18.35 -16.39
CA ASN A 65 14.63 -18.98 -16.95
C ASN A 65 15.81 -18.03 -17.02
N LEU A 66 15.78 -17.14 -18.01
CA LEU A 66 16.90 -16.23 -18.24
C LEU A 66 17.18 -15.26 -17.08
N GLU A 67 18.46 -15.07 -16.77
CA GLU A 67 18.90 -14.11 -15.75
C GLU A 67 18.74 -12.65 -16.18
N VAL A 68 18.08 -11.85 -15.33
CA VAL A 68 17.89 -10.42 -15.61
C VAL A 68 19.08 -9.57 -15.18
N THR A 69 19.73 -8.94 -16.16
CA THR A 69 20.84 -8.01 -15.94
C THR A 69 20.51 -6.53 -16.06
N GLY A 70 19.29 -6.22 -16.47
CA GLY A 70 18.91 -4.82 -16.63
C GLY A 70 17.42 -4.63 -16.91
N MET A 71 16.98 -3.38 -16.86
CA MET A 71 15.61 -3.04 -17.24
C MET A 71 15.63 -2.05 -18.43
N TYR A 72 14.89 -2.40 -19.49
CA TYR A 72 14.93 -1.66 -20.75
C TYR A 72 13.58 -1.00 -21.05
N MET A 73 13.59 0.31 -21.13
CA MET A 73 12.38 1.07 -21.44
C MET A 73 12.34 1.40 -22.92
N VAL A 74 11.42 0.79 -23.64
CA VAL A 74 11.52 0.80 -25.10
C VAL A 74 10.37 1.52 -25.77
N ASP A 75 10.68 2.53 -26.59
CA ASP A 75 9.65 3.24 -27.36
C ASP A 75 10.12 3.67 -28.76
N GLU A 76 9.36 4.53 -29.43
CA GLU A 76 9.70 4.86 -30.82
C GLU A 76 11.07 5.54 -30.94
N GLU A 77 11.56 6.15 -29.86
CA GLU A 77 12.83 6.86 -29.95
C GLU A 77 14.01 5.96 -29.65
N GLY A 78 13.77 4.77 -29.15
CA GLY A 78 14.88 3.96 -28.69
C GLY A 78 14.62 3.39 -27.30
N GLU A 79 15.69 3.00 -26.61
CA GLU A 79 15.57 2.48 -25.26
C GLU A 79 16.17 3.42 -24.22
N ILE A 80 15.64 3.33 -23.00
CA ILE A 80 16.28 3.89 -21.83
C ILE A 80 16.61 2.68 -20.96
N VAL A 81 17.80 2.69 -20.36
CA VAL A 81 18.34 1.53 -19.68
C VAL A 81 18.75 1.88 -18.25
N THR A 82 18.47 0.97 -17.33
CA THR A 82 19.07 0.99 -16.00
C THR A 82 19.61 -0.39 -15.59
N ARG A 83 20.78 -0.40 -14.96
CA ARG A 83 21.33 -1.66 -14.48
C ARG A 83 20.99 -1.85 -13.01
N ASP A 84 20.30 -0.87 -12.42
CA ASP A 84 20.03 -0.98 -11.00
C ASP A 84 18.67 -1.68 -10.85
N VAL A 85 18.74 -3.01 -10.70
CA VAL A 85 17.58 -3.91 -10.78
C VAL A 85 17.88 -5.02 -9.81
N ASN A 86 16.90 -5.40 -8.99
CA ASN A 86 17.14 -6.36 -7.91
C ASN A 86 15.99 -7.29 -7.70
N ALA A 87 16.30 -8.53 -7.35
CA ALA A 87 15.23 -9.42 -6.95
C ALA A 87 14.73 -8.88 -5.62
N LYS A 88 13.42 -8.92 -5.41
CA LYS A 88 12.84 -8.50 -4.16
C LYS A 88 12.21 -9.71 -3.42
N PHE A 89 12.57 -9.91 -2.15
CA PHE A 89 12.13 -11.09 -1.41
C PHE A 89 10.93 -10.79 -0.55
N ILE A 90 9.99 -11.73 -0.55
CA ILE A 90 8.85 -11.69 0.34
C ILE A 90 8.76 -13.05 1.01
N ASN A 91 8.83 -13.04 2.35
CA ASN A 91 8.88 -14.26 3.15
C ASN A 91 9.92 -15.28 2.69
N GLY A 92 11.10 -14.79 2.30
CA GLY A 92 12.24 -15.63 1.94
C GLY A 92 12.29 -16.05 0.48
N GLN A 93 11.30 -15.60 -0.28
CA GLN A 93 11.12 -15.98 -1.69
C GLN A 93 11.28 -14.81 -2.67
N PRO A 94 12.18 -14.94 -3.67
CA PRO A 94 12.44 -13.92 -4.70
C PRO A 94 11.28 -13.84 -5.71
N VAL A 95 10.19 -13.24 -5.28
CA VAL A 95 8.96 -13.20 -6.05
C VAL A 95 8.77 -11.88 -6.82
N ALA A 96 9.62 -10.91 -6.59
CA ALA A 96 9.36 -9.59 -7.16
C ALA A 96 10.65 -8.90 -7.58
N ILE A 97 10.51 -7.83 -8.34
CA ILE A 97 11.66 -7.06 -8.80
C ILE A 97 11.52 -5.59 -8.45
N GLU A 98 12.61 -4.98 -7.99
CA GLU A 98 12.68 -3.53 -7.81
C GLU A 98 13.71 -2.99 -8.79
N ALA A 99 13.44 -1.81 -9.32
CA ALA A 99 14.37 -1.14 -10.23
C ALA A 99 14.44 0.34 -9.92
N THR A 100 15.61 0.93 -10.11
CA THR A 100 15.73 2.36 -9.94
C THR A 100 16.43 2.97 -11.16
N TYR A 101 15.85 4.04 -11.70
CA TYR A 101 16.45 4.79 -12.79
C TYR A 101 16.71 6.22 -12.33
N THR A 102 17.98 6.61 -12.37
CA THR A 102 18.39 7.92 -11.88
C THR A 102 18.69 8.86 -13.03
N MET A 103 18.13 10.07 -12.97
CA MET A 103 18.33 11.05 -14.02
C MET A 103 19.20 12.19 -13.49
N ARG A 104 20.33 12.44 -14.13
CA ARG A 104 21.21 13.54 -13.71
C ARG A 104 21.21 14.80 -14.56
N SER A 105 20.40 14.85 -15.60
CA SER A 105 20.38 16.01 -16.49
C SER A 105 18.98 16.28 -16.99
N PRO A 106 18.72 17.52 -17.41
CA PRO A 106 17.46 17.92 -18.06
C PRO A 106 17.11 17.05 -19.28
N GLN A 107 18.11 16.68 -20.07
CA GLN A 107 17.91 15.84 -21.24
C GLN A 107 17.34 14.46 -20.86
N GLU A 108 17.91 13.89 -19.80
CA GLU A 108 17.53 12.56 -19.32
C GLU A 108 16.13 12.56 -18.74
N TRP A 109 15.80 13.61 -17.99
CA TRP A 109 14.46 13.82 -17.43
C TRP A 109 13.40 13.95 -18.52
N ASP A 110 13.65 14.84 -19.49
CA ASP A 110 12.67 15.11 -20.53
C ASP A 110 12.38 13.87 -21.37
N ARG A 111 13.45 13.12 -21.67
CA ARG A 111 13.39 11.88 -22.45
C ARG A 111 12.62 10.80 -21.69
N PHE A 112 12.81 10.76 -20.37
CA PHE A 112 12.15 9.75 -19.56
C PHE A 112 10.66 10.05 -19.44
N ILE A 113 10.33 11.33 -19.31
CA ILE A 113 8.94 11.70 -19.22
C ILE A 113 8.24 11.34 -20.51
N ARG A 114 8.91 11.48 -21.65
CA ARG A 114 8.34 11.07 -22.95
C ARG A 114 8.04 9.57 -22.96
N PHE A 115 8.96 8.76 -22.45
CA PHE A 115 8.69 7.32 -22.37
C PHE A 115 7.52 7.06 -21.44
N MET A 116 7.56 7.65 -20.25
CA MET A 116 6.55 7.36 -19.24
C MET A 116 5.13 7.73 -19.71
N ASP A 117 5.00 8.82 -20.46
CA ASP A 117 3.73 9.19 -21.03
C ASP A 117 3.20 8.10 -21.95
N ARG A 118 4.06 7.66 -22.87
CA ARG A 118 3.68 6.65 -23.84
C ARG A 118 3.36 5.32 -23.17
N TYR A 119 4.13 4.99 -22.14
CA TYR A 119 3.92 3.74 -21.45
C TYR A 119 2.60 3.80 -20.68
N ALA A 120 2.44 4.84 -19.88
CA ALA A 120 1.25 4.96 -19.05
C ALA A 120 -0.02 5.10 -19.89
N ALA A 121 0.09 5.79 -21.03
CA ALA A 121 -1.05 5.94 -21.94
C ALA A 121 -1.45 4.63 -22.62
N SER A 122 -0.49 3.74 -22.88
CA SER A 122 -0.80 2.44 -23.51
C SER A 122 -1.03 1.30 -22.52
N HIS A 123 -0.77 1.59 -21.26
CA HIS A 123 -1.03 0.69 -20.14
C HIS A 123 -2.24 1.01 -19.25
N GLY A 124 -3.18 1.79 -19.77
CA GLY A 124 -4.30 2.28 -18.98
C GLY A 124 -5.40 1.31 -18.56
N LEU A 125 -6.54 1.88 -18.16
CA LEU A 125 -7.67 1.13 -17.58
C LEU A 125 -8.65 0.46 -18.55
N GLY A 126 -9.29 -0.60 -18.06
CA GLY A 126 -10.37 -1.27 -18.76
C GLY A 126 -11.66 -1.02 -18.01
N PHE A 127 -12.66 -1.90 -18.15
CA PHE A 127 -13.94 -1.66 -17.46
C PHE A 127 -14.22 -2.63 -16.32
N ALA B 20 1.82 23.10 -22.40
CA ALA B 20 2.43 24.32 -21.88
C ALA B 20 2.35 24.36 -20.34
N MET B 21 1.59 25.32 -19.83
CA MET B 21 1.44 25.54 -18.38
C MET B 21 0.59 24.47 -17.66
N ALA B 22 1.16 23.82 -16.67
CA ALA B 22 0.43 22.86 -15.89
C ALA B 22 0.85 23.08 -14.45
N GLU B 23 -0.11 23.23 -13.54
CA GLU B 23 0.24 23.49 -12.15
C GLU B 23 -0.63 22.73 -11.15
N ILE B 24 -0.17 22.66 -9.91
CA ILE B 24 -0.94 22.12 -8.81
C ILE B 24 -1.21 23.22 -7.81
N GLN B 25 -2.46 23.31 -7.34
CA GLN B 25 -2.88 24.34 -6.39
C GLN B 25 -3.61 23.72 -5.19
N PHE B 26 -3.26 24.15 -3.98
CA PHE B 26 -4.07 23.86 -2.80
C PHE B 26 -5.19 24.88 -2.52
N ILE B 27 -4.97 26.13 -2.86
CA ILE B 27 -6.02 27.14 -2.86
C ILE B 27 -6.12 27.60 -4.32
N ARG B 28 -7.32 27.65 -4.87
CA ARG B 28 -7.47 28.07 -6.28
C ARG B 28 -6.85 29.44 -6.60
N GLY B 29 -6.09 29.51 -7.68
CA GLY B 29 -5.49 30.78 -8.08
C GLY B 29 -4.07 30.94 -7.56
N ILE B 30 -3.65 30.02 -6.70
CA ILE B 30 -2.28 30.06 -6.18
C ILE B 30 -1.53 28.80 -6.57
N ASN B 31 -0.49 28.95 -7.39
CA ASN B 31 0.32 27.80 -7.77
C ASN B 31 1.30 27.40 -6.62
N GLU B 32 1.31 26.12 -6.28
CA GLU B 32 2.22 25.59 -5.29
C GLU B 32 3.63 25.42 -5.87
N GLU B 33 4.63 25.90 -5.14
CA GLU B 33 6.01 25.87 -5.61
C GLU B 33 6.72 24.55 -5.39
N VAL B 34 6.41 23.92 -4.27
CA VAL B 34 7.02 22.66 -3.89
C VAL B 34 6.55 21.59 -4.85
N VAL B 35 7.48 20.79 -5.38
CA VAL B 35 7.17 19.66 -6.25
C VAL B 35 7.00 18.42 -5.38
N PRO B 36 5.89 17.69 -5.55
CA PRO B 36 5.61 16.50 -4.74
C PRO B 36 6.37 15.26 -5.20
N ASP B 37 6.48 14.25 -4.33
CA ASP B 37 6.76 12.89 -4.78
C ASP B 37 5.46 12.32 -5.33
N VAL B 38 5.52 11.59 -6.42
CA VAL B 38 4.30 11.10 -7.01
C VAL B 38 4.40 9.58 -7.13
N ARG B 39 3.40 8.89 -6.63
CA ARG B 39 3.33 7.45 -6.78
C ARG B 39 2.09 7.05 -7.62
N LEU B 40 2.31 6.21 -8.61
CA LEU B 40 1.25 5.83 -9.52
C LEU B 40 1.04 4.33 -9.46
N THR B 41 -0.18 3.92 -9.20
CA THR B 41 -0.50 2.50 -9.14
C THR B 41 -1.65 2.17 -10.08
N ARG B 42 -1.75 0.92 -10.47
CA ARG B 42 -2.81 0.45 -11.35
C ARG B 42 -3.33 -0.86 -10.72
N ALA B 43 -4.65 -1.01 -10.66
CA ALA B 43 -5.26 -2.18 -10.08
C ALA B 43 -4.89 -3.41 -10.89
N ARG B 44 -4.81 -4.55 -10.20
CA ARG B 44 -4.39 -5.79 -10.82
C ARG B 44 -5.25 -6.18 -12.04
N ASP B 45 -6.56 -5.91 -11.94
CA ASP B 45 -7.48 -6.30 -12.98
C ASP B 45 -7.63 -5.19 -14.02
N GLY B 46 -6.92 -4.08 -13.81
CA GLY B 46 -6.94 -2.96 -14.72
C GLY B 46 -8.20 -2.12 -14.58
N SER B 47 -8.98 -2.36 -13.54
CA SER B 47 -10.27 -1.69 -13.33
C SER B 47 -10.17 -0.26 -12.79
N SER B 48 -9.15 0.00 -11.97
CA SER B 48 -8.94 1.30 -11.34
C SER B 48 -7.44 1.67 -11.20
N GLY B 49 -7.15 2.93 -10.90
CA GLY B 49 -5.79 3.38 -10.64
C GLY B 49 -5.73 4.48 -9.57
N GLN B 50 -4.53 4.75 -9.03
CA GLN B 50 -4.36 5.77 -8.00
C GLN B 50 -3.09 6.58 -8.19
N ALA B 51 -3.21 7.89 -8.02
CA ALA B 51 -2.04 8.73 -7.98
C ALA B 51 -1.93 9.33 -6.57
N MET B 52 -0.77 9.17 -5.95
CA MET B 52 -0.53 9.68 -4.61
C MET B 52 0.54 10.77 -4.66
N PHE B 53 0.30 11.88 -3.98
CA PHE B 53 1.21 13.02 -4.01
C PHE B 53 1.66 13.29 -2.58
N TYR B 54 2.96 13.45 -2.37
CA TYR B 54 3.40 13.78 -1.02
C TYR B 54 4.25 15.04 -1.08
N PHE B 55 3.79 16.09 -0.41
CA PHE B 55 4.48 17.39 -0.44
C PHE B 55 5.20 17.62 0.87
N ASP B 56 6.52 17.86 0.76
CA ASP B 56 7.40 18.16 1.89
C ASP B 56 7.45 19.68 2.13
N ASN B 57 6.94 20.11 3.29
CA ASN B 57 6.84 21.53 3.62
C ASN B 57 6.35 22.44 2.49
N PRO B 58 5.11 22.23 2.00
CA PRO B 58 4.62 23.05 0.90
C PRO B 58 4.37 24.45 1.38
N LYS B 59 4.51 25.39 0.43
CA LYS B 59 4.35 26.82 0.69
C LYS B 59 3.01 27.17 1.33
N ILE B 60 1.96 26.45 0.95
CA ILE B 60 0.60 26.71 1.42
C ILE B 60 0.42 26.52 2.94
N VAL B 61 1.28 25.69 3.52
CA VAL B 61 1.35 25.43 4.96
C VAL B 61 2.13 26.52 5.74
N GLN B 62 2.96 27.26 5.01
CA GLN B 62 3.86 28.33 5.51
C GLN B 62 3.00 29.55 5.92
N GLU B 63 1.75 29.27 6.32
CA GLU B 63 0.62 30.22 6.52
C GLU B 63 0.03 30.66 5.19
N GLY B 64 -0.75 29.73 4.66
CA GLY B 64 -1.51 29.89 3.42
C GLY B 64 -2.24 31.17 3.14
N ASN B 65 -3.02 31.75 4.06
CA ASN B 65 -3.37 31.23 5.39
C ASN B 65 -4.70 30.46 5.37
N LEU B 66 -5.41 30.56 4.24
CA LEU B 66 -6.73 29.97 4.07
C LEU B 66 -6.74 28.44 4.21
N GLU B 67 -7.76 27.91 4.87
CA GLU B 67 -7.98 26.46 4.98
C GLU B 67 -8.09 25.70 3.63
N VAL B 68 -7.27 24.67 3.48
CA VAL B 68 -7.26 23.84 2.27
C VAL B 68 -8.35 22.78 2.28
N THR B 69 -9.27 22.84 1.30
CA THR B 69 -10.32 21.83 1.12
C THR B 69 -10.16 20.81 -0.04
N GLY B 70 -9.14 20.97 -0.86
CA GLY B 70 -8.93 20.10 -2.00
C GLY B 70 -7.59 20.37 -2.67
N MET B 71 -7.25 19.57 -3.67
CA MET B 71 -6.09 19.81 -4.53
C MET B 71 -6.53 19.97 -6.00
N TYR B 72 -6.01 20.97 -6.69
CA TYR B 72 -6.48 21.28 -8.03
C TYR B 72 -5.36 21.10 -9.04
N MET B 73 -5.55 20.18 -9.97
CA MET B 73 -4.60 19.94 -11.04
C MET B 73 -5.08 20.74 -12.25
N VAL B 74 -4.35 21.80 -12.59
CA VAL B 74 -4.81 22.83 -13.50
C VAL B 74 -3.93 22.92 -14.77
N ASP B 75 -4.56 22.76 -15.95
CA ASP B 75 -3.89 22.86 -17.25
C ASP B 75 -4.81 23.45 -18.33
N GLU B 76 -4.40 23.36 -19.58
CA GLU B 76 -5.17 23.98 -20.68
C GLU B 76 -6.59 23.40 -20.83
N GLU B 77 -6.83 22.22 -20.28
CA GLU B 77 -8.13 21.55 -20.39
C GLU B 77 -9.09 21.89 -19.25
N GLY B 78 -8.63 22.67 -18.27
CA GLY B 78 -9.43 22.81 -17.06
C GLY B 78 -8.75 22.20 -15.85
N GLU B 79 -9.57 21.80 -14.88
CA GLU B 79 -9.09 21.22 -13.64
C GLU B 79 -9.33 19.73 -13.45
N ILE B 80 -8.45 19.08 -12.70
CA ILE B 80 -8.77 17.77 -12.13
C ILE B 80 -8.69 17.98 -10.62
N VAL B 81 -9.68 17.43 -9.92
CA VAL B 81 -9.91 17.72 -8.51
C VAL B 81 -10.00 16.46 -7.63
N THR B 82 -9.32 16.51 -6.49
CA THR B 82 -9.50 15.51 -5.46
C THR B 82 -9.73 16.17 -4.10
N ARG B 83 -10.65 15.61 -3.33
CA ARG B 83 -10.87 16.09 -1.99
C ARG B 83 -10.11 15.24 -0.98
N ASP B 84 -9.40 14.20 -1.43
CA ASP B 84 -8.76 13.37 -0.43
C ASP B 84 -7.37 13.96 -0.22
N VAL B 85 -7.29 14.82 0.79
CA VAL B 85 -6.16 15.68 1.00
C VAL B 85 -6.03 15.82 2.49
N ASN B 86 -4.82 15.59 3.02
CA ASN B 86 -4.61 15.67 4.46
C ASN B 86 -3.26 16.27 4.81
N ALA B 87 -3.28 17.28 5.67
CA ALA B 87 -2.08 17.87 6.22
C ALA B 87 -1.52 16.96 7.32
N LYS B 88 -0.19 16.95 7.48
CA LYS B 88 0.48 16.19 8.54
C LYS B 88 1.06 17.17 9.58
N PHE B 89 0.71 16.91 10.84
CA PHE B 89 1.10 17.76 11.94
C PHE B 89 2.12 17.12 12.89
N ILE B 90 3.10 17.90 13.31
CA ILE B 90 4.01 17.49 14.38
C ILE B 90 4.02 18.61 15.39
N ASN B 91 3.65 18.29 16.62
CA ASN B 91 3.56 19.31 17.67
C ASN B 91 2.79 20.58 17.27
N GLY B 92 1.67 20.41 16.57
CA GLY B 92 0.84 21.55 16.22
C GLY B 92 1.21 22.27 14.93
N GLN B 93 2.25 21.82 14.24
CA GLN B 93 2.70 22.47 12.99
C GLN B 93 2.48 21.59 11.76
N PRO B 94 1.75 22.12 10.75
CA PRO B 94 1.60 21.32 9.53
C PRO B 94 2.97 21.27 8.86
N VAL B 95 3.49 20.07 8.71
CA VAL B 95 4.78 19.83 8.14
C VAL B 95 4.77 19.22 6.69
N ALA B 96 3.60 18.75 6.26
CA ALA B 96 3.50 18.04 4.97
C ALA B 96 2.06 17.98 4.46
N ILE B 97 1.88 17.68 3.17
CA ILE B 97 0.55 17.36 2.66
C ILE B 97 0.56 16.08 1.82
N GLU B 98 -0.41 15.21 2.07
CA GLU B 98 -0.60 14.03 1.25
C GLU B 98 -1.93 14.12 0.50
N ALA B 99 -1.92 13.76 -0.77
CA ALA B 99 -3.15 13.77 -1.55
C ALA B 99 -3.26 12.51 -2.38
N THR B 100 -4.47 12.00 -2.49
CA THR B 100 -4.72 10.81 -3.28
C THR B 100 -5.79 11.12 -4.33
N TYR B 101 -5.52 10.76 -5.58
CA TYR B 101 -6.51 10.90 -6.66
C TYR B 101 -6.80 9.54 -7.26
N THR B 102 -8.06 9.12 -7.16
CA THR B 102 -8.46 7.78 -7.63
C THR B 102 -9.20 7.86 -8.96
N MET B 103 -8.80 7.02 -9.90
CA MET B 103 -9.36 6.99 -11.25
C MET B 103 -10.14 5.71 -11.46
N ARG B 104 -11.43 5.86 -11.75
CA ARG B 104 -12.31 4.71 -11.99
C ARG B 104 -12.70 4.38 -13.44
N SER B 105 -12.19 5.13 -14.42
CA SER B 105 -12.53 4.87 -15.83
C SER B 105 -11.34 5.17 -16.74
N PRO B 106 -11.34 4.57 -17.95
CA PRO B 106 -10.33 4.88 -18.97
C PRO B 106 -10.16 6.38 -19.23
N GLN B 107 -11.26 7.10 -19.30
CA GLN B 107 -11.27 8.53 -19.53
C GLN B 107 -10.53 9.29 -18.41
N GLU B 108 -10.76 8.89 -17.16
CA GLU B 108 -10.11 9.56 -16.03
C GLU B 108 -8.60 9.30 -16.03
N TRP B 109 -8.22 8.06 -16.29
CA TRP B 109 -6.81 7.70 -16.41
C TRP B 109 -6.14 8.50 -17.54
N ASP B 110 -6.77 8.54 -18.72
CA ASP B 110 -6.19 9.27 -19.85
C ASP B 110 -6.10 10.78 -19.59
N ARG B 111 -7.12 11.34 -18.95
CA ARG B 111 -7.15 12.76 -18.63
C ARG B 111 -6.01 13.07 -17.67
N PHE B 112 -5.80 12.16 -16.73
CA PHE B 112 -4.79 12.42 -15.71
C PHE B 112 -3.39 12.32 -16.22
N ILE B 113 -3.14 11.37 -17.10
CA ILE B 113 -1.81 11.24 -17.67
C ILE B 113 -1.44 12.44 -18.51
N ARG B 114 -2.42 12.98 -19.24
CA ARG B 114 -2.18 14.19 -20.00
C ARG B 114 -1.74 15.33 -19.10
N PHE B 115 -2.41 15.50 -17.96
CA PHE B 115 -2.00 16.55 -17.01
C PHE B 115 -0.57 16.32 -16.50
N MET B 116 -0.30 15.08 -16.09
CA MET B 116 0.97 14.73 -15.47
C MET B 116 2.14 14.95 -16.41
N ASP B 117 1.92 14.67 -17.68
CA ASP B 117 2.92 14.93 -18.70
C ASP B 117 3.27 16.41 -18.76
N ARG B 118 2.25 17.25 -18.85
CA ARG B 118 2.45 18.68 -18.93
C ARG B 118 3.13 19.16 -17.66
N TYR B 119 2.75 18.54 -16.53
CA TYR B 119 3.32 18.96 -15.26
C TYR B 119 4.79 18.57 -15.12
N ALA B 120 5.10 17.30 -15.34
CA ALA B 120 6.47 16.79 -15.18
C ALA B 120 7.45 17.42 -16.17
N ALA B 121 6.95 17.75 -17.37
CA ALA B 121 7.79 18.41 -18.37
C ALA B 121 8.16 19.87 -18.01
N SER B 122 7.27 20.59 -17.34
CA SER B 122 7.51 22.00 -16.96
C SER B 122 8.07 22.13 -15.53
N HIS B 123 8.12 21.00 -14.86
CA HIS B 123 8.74 20.84 -13.54
C HIS B 123 10.09 20.09 -13.46
N GLY B 124 10.80 20.00 -14.58
CA GLY B 124 12.00 19.20 -14.69
C GLY B 124 13.28 19.68 -14.00
N LEU B 125 14.42 19.14 -14.44
CA LEU B 125 15.75 19.36 -13.85
C LEU B 125 16.49 20.65 -14.29
N GLY B 126 17.43 21.11 -13.46
CA GLY B 126 18.30 22.21 -13.81
C GLY B 126 19.76 21.79 -13.93
N MET C 21 -15.06 -24.31 15.35
CA MET C 21 -14.78 -24.57 13.93
C MET C 21 -14.81 -23.37 12.98
N ALA C 22 -13.62 -22.98 12.55
CA ALA C 22 -13.45 -21.97 11.52
C ALA C 22 -12.29 -22.40 10.65
N GLU C 23 -12.49 -22.43 9.34
CA GLU C 23 -11.43 -22.86 8.45
C GLU C 23 -11.38 -21.97 7.21
N ILE C 24 -10.27 -22.06 6.52
CA ILE C 24 -10.08 -21.39 5.25
C ILE C 24 -9.87 -22.44 4.19
N GLN C 25 -10.58 -22.29 3.08
CA GLN C 25 -10.48 -23.24 1.97
C GLN C 25 -10.24 -22.54 0.65
N PHE C 26 -9.27 -23.06 -0.11
CA PHE C 26 -9.08 -22.71 -1.53
C PHE C 26 -9.92 -23.58 -2.49
N ILE C 27 -10.05 -24.85 -2.12
CA ILE C 27 -10.93 -25.82 -2.78
C ILE C 27 -11.96 -26.27 -1.74
N ARG C 28 -13.24 -26.10 -2.05
CA ARG C 28 -14.30 -26.39 -1.08
C ARG C 28 -14.27 -27.83 -0.52
N GLY C 29 -14.34 -27.93 0.81
CA GLY C 29 -14.31 -29.21 1.47
C GLY C 29 -12.91 -29.59 1.91
N ILE C 30 -11.92 -28.81 1.46
CA ILE C 30 -10.53 -29.08 1.84
C ILE C 30 -10.00 -27.93 2.69
N ASN C 31 -9.75 -28.21 3.96
CA ASN C 31 -9.24 -27.17 4.83
C ASN C 31 -7.75 -26.94 4.60
N GLU C 32 -7.38 -25.67 4.42
CA GLU C 32 -5.97 -25.33 4.28
C GLU C 32 -5.29 -25.35 5.65
N GLU C 33 -4.14 -26.04 5.74
CA GLU C 33 -3.40 -26.14 6.99
C GLU C 33 -2.56 -24.91 7.32
N VAL C 34 -1.96 -24.31 6.30
CA VAL C 34 -1.08 -23.17 6.55
C VAL C 34 -1.90 -21.97 7.00
N VAL C 35 -1.48 -21.37 8.12
CA VAL C 35 -2.11 -20.16 8.64
C VAL C 35 -1.45 -18.97 7.93
N PRO C 36 -2.26 -18.10 7.31
CA PRO C 36 -1.72 -16.99 6.52
C PRO C 36 -1.22 -15.82 7.39
N ASP C 37 -0.35 -14.97 6.84
CA ASP C 37 -0.15 -13.66 7.42
C ASP C 37 -1.38 -12.86 7.05
N VAL C 38 -1.86 -12.05 7.99
CA VAL C 38 -3.07 -11.26 7.81
C VAL C 38 -2.84 -9.77 8.07
N ARG C 39 -3.21 -8.94 7.11
CA ARG C 39 -3.13 -7.48 7.25
C ARG C 39 -4.51 -6.85 7.18
N LEU C 40 -4.85 -6.02 8.16
CA LEU C 40 -6.19 -5.44 8.22
C LEU C 40 -6.12 -3.90 8.21
N THR C 41 -6.80 -3.29 7.24
CA THR C 41 -6.80 -1.84 7.10
C THR C 41 -8.21 -1.29 7.11
N ARG C 42 -8.32 0.00 7.37
CA ARG C 42 -9.59 0.69 7.38
C ARG C 42 -9.38 2.03 6.69
N ALA C 43 -10.30 2.41 5.81
CA ALA C 43 -10.20 3.68 5.11
C ALA C 43 -10.32 4.81 6.13
N ARG C 44 -9.64 5.93 5.88
CA ARG C 44 -9.58 7.04 6.85
C ARG C 44 -10.97 7.57 7.25
N ASP C 45 -11.90 7.57 6.30
CA ASP C 45 -13.25 8.06 6.54
C ASP C 45 -14.21 6.96 7.03
N GLY C 46 -13.69 5.75 7.19
CA GLY C 46 -14.50 4.65 7.72
C GLY C 46 -15.47 4.00 6.78
N SER C 47 -15.34 4.30 5.49
CA SER C 47 -16.27 3.80 4.48
C SER C 47 -16.06 2.33 4.12
N SER C 48 -14.79 1.93 4.13
CA SER C 48 -14.44 0.57 3.74
C SER C 48 -13.28 0.02 4.55
N GLY C 49 -13.07 -1.28 4.45
CA GLY C 49 -11.93 -1.92 5.07
C GLY C 49 -11.43 -3.05 4.20
N GLN C 50 -10.23 -3.53 4.47
CA GLN C 50 -9.65 -4.57 3.66
C GLN C 50 -8.88 -5.57 4.52
N ALA C 51 -9.01 -6.85 4.20
CA ALA C 51 -8.18 -7.89 4.78
C ALA C 51 -7.38 -8.58 3.68
N MET C 52 -6.06 -8.67 3.87
CA MET C 52 -5.19 -9.35 2.92
C MET C 52 -4.57 -10.58 3.56
N PHE C 53 -4.53 -11.67 2.83
CA PHE C 53 -4.06 -12.95 3.36
C PHE C 53 -2.88 -13.34 2.48
N TYR C 54 -1.76 -13.72 3.10
CA TYR C 54 -0.64 -14.19 2.33
C TYR C 54 -0.26 -15.56 2.88
N PHE C 55 -0.31 -16.58 2.04
CA PHE C 55 -0.02 -17.95 2.45
C PHE C 55 1.33 -18.33 1.92
N ASP C 56 2.23 -18.69 2.82
CA ASP C 56 3.57 -19.07 2.42
C ASP C 56 3.58 -20.58 2.20
N ASN C 57 3.78 -20.99 0.94
CA ASN C 57 3.75 -22.40 0.57
C ASN C 57 2.58 -23.21 1.13
N PRO C 58 1.35 -22.85 0.74
CA PRO C 58 0.19 -23.56 1.29
C PRO C 58 0.09 -24.96 0.75
N LYS C 59 -0.47 -25.87 1.54
CA LYS C 59 -0.63 -27.27 1.19
C LYS C 59 -1.33 -27.47 -0.18
N ILE C 60 -2.24 -26.56 -0.54
CA ILE C 60 -2.97 -26.64 -1.81
C ILE C 60 -2.01 -26.60 -3.00
N VAL C 61 -0.88 -25.92 -2.80
CA VAL C 61 0.17 -25.82 -3.79
C VAL C 61 1.13 -27.03 -3.80
N GLN C 62 1.35 -27.64 -2.65
CA GLN C 62 2.31 -28.73 -2.50
C GLN C 62 1.90 -29.92 -3.34
N GLU C 63 0.60 -30.05 -3.53
CA GLU C 63 0.00 -31.19 -4.25
C GLU C 63 0.28 -31.04 -5.75
N GLY C 64 0.55 -29.81 -6.16
CA GLY C 64 0.96 -29.54 -7.52
C GLY C 64 -0.13 -29.82 -8.53
N ASN C 65 -1.31 -29.23 -8.33
CA ASN C 65 -2.25 -29.22 -9.43
C ASN C 65 -2.24 -27.86 -10.15
N LEU C 66 -3.08 -26.92 -9.69
CA LEU C 66 -3.21 -25.52 -10.10
C LEU C 66 -4.65 -25.10 -9.77
N GLU C 67 -5.03 -23.92 -10.21
CA GLU C 67 -6.43 -23.47 -10.16
C GLU C 67 -7.08 -23.24 -8.80
N VAL C 68 -6.57 -22.26 -8.07
CA VAL C 68 -7.32 -21.68 -6.98
C VAL C 68 -8.03 -20.48 -7.61
N THR C 69 -9.35 -20.50 -7.68
CA THR C 69 -10.09 -19.34 -8.17
C THR C 69 -10.67 -18.49 -7.03
N GLY C 70 -10.54 -18.99 -5.80
CA GLY C 70 -11.11 -18.27 -4.68
C GLY C 70 -10.69 -18.73 -3.30
N MET C 71 -11.05 -17.92 -2.32
CA MET C 71 -10.83 -18.27 -0.94
C MET C 71 -12.15 -18.24 -0.20
N TYR C 72 -12.40 -19.33 0.54
CA TYR C 72 -13.67 -19.50 1.21
C TYR C 72 -13.38 -19.46 2.71
N MET C 73 -14.00 -18.50 3.39
CA MET C 73 -13.87 -18.39 4.83
C MET C 73 -15.08 -19.09 5.42
N VAL C 74 -14.85 -20.24 6.05
CA VAL C 74 -15.97 -21.15 6.39
C VAL C 74 -16.11 -21.37 7.88
N ASP C 75 -17.30 -21.07 8.42
CA ASP C 75 -17.58 -21.33 9.82
C ASP C 75 -19.03 -21.75 10.04
N GLU C 76 -19.48 -21.81 11.30
CA GLU C 76 -20.82 -22.27 11.63
C GLU C 76 -21.92 -21.36 11.08
N GLU C 77 -21.56 -20.12 10.80
CA GLU C 77 -22.53 -19.12 10.41
C GLU C 77 -22.73 -19.09 8.90
N GLY C 78 -21.92 -19.81 8.14
CA GLY C 78 -21.98 -19.72 6.69
C GLY C 78 -20.64 -19.63 5.98
N GLU C 79 -20.65 -19.14 4.74
CA GLU C 79 -19.42 -18.92 3.99
C GLU C 79 -19.20 -17.42 3.74
N ILE C 80 -17.95 -16.97 3.66
CA ILE C 80 -17.61 -15.65 3.12
C ILE C 80 -16.65 -15.90 1.99
N VAL C 81 -16.83 -15.21 0.87
CA VAL C 81 -16.07 -15.54 -0.32
C VAL C 81 -15.36 -14.34 -0.92
N THR C 82 -14.13 -14.54 -1.36
CA THR C 82 -13.53 -13.54 -2.21
C THR C 82 -12.94 -14.21 -3.43
N ARG C 83 -13.13 -13.58 -4.58
CA ARG C 83 -12.58 -14.12 -5.82
C ARG C 83 -11.28 -13.45 -6.20
N ASP C 84 -10.81 -12.50 -5.39
CA ASP C 84 -9.57 -11.78 -5.71
C ASP C 84 -8.43 -12.55 -5.07
N VAL C 85 -7.78 -13.37 -5.89
CA VAL C 85 -6.83 -14.37 -5.39
C VAL C 85 -5.78 -14.61 -6.45
N ASN C 86 -4.53 -14.73 -6.06
CA ASN C 86 -3.47 -15.03 -7.02
C ASN C 86 -2.36 -15.85 -6.41
N ALA C 87 -1.92 -16.85 -7.15
CA ALA C 87 -0.73 -17.62 -6.81
C ALA C 87 0.52 -16.85 -7.22
N LYS C 88 1.61 -17.04 -6.51
CA LYS C 88 2.86 -16.42 -6.92
C LYS C 88 3.76 -17.52 -7.48
N PHE C 89 4.25 -17.32 -8.70
CA PHE C 89 5.05 -18.34 -9.36
C PHE C 89 6.55 -17.99 -9.44
N ILE C 90 7.41 -18.99 -9.22
CA ILE C 90 8.85 -18.85 -9.49
C ILE C 90 9.35 -20.05 -10.32
N ASN C 91 9.87 -19.78 -11.53
CA ASN C 91 10.31 -20.83 -12.47
C ASN C 91 9.28 -21.97 -12.63
N GLY C 92 8.01 -21.59 -12.72
CA GLY C 92 6.91 -22.52 -12.92
C GLY C 92 6.29 -23.14 -11.67
N GLN C 93 6.83 -22.84 -10.49
CA GLN C 93 6.34 -23.45 -9.26
C GLN C 93 5.62 -22.41 -8.43
N PRO C 94 4.35 -22.68 -8.06
CA PRO C 94 3.69 -21.71 -7.16
C PRO C 94 4.29 -21.79 -5.76
N VAL C 95 4.79 -20.68 -5.22
CA VAL C 95 5.35 -20.73 -3.88
C VAL C 95 4.44 -20.11 -2.81
N ALA C 96 3.41 -19.39 -3.25
CA ALA C 96 2.58 -18.64 -2.33
C ALA C 96 1.22 -18.24 -2.88
N ILE C 97 0.29 -17.89 -1.99
CA ILE C 97 -0.99 -17.39 -2.42
C ILE C 97 -1.32 -16.08 -1.68
N GLU C 98 -1.83 -15.11 -2.44
CA GLU C 98 -2.31 -13.88 -1.87
C GLU C 98 -3.81 -13.77 -2.16
N ALA C 99 -4.58 -13.33 -1.18
CA ALA C 99 -6.01 -13.13 -1.37
C ALA C 99 -6.40 -11.82 -0.71
N THR C 100 -7.33 -11.10 -1.29
CA THR C 100 -7.83 -9.85 -0.73
C THR C 100 -9.35 -9.85 -0.63
N TYR C 101 -9.88 -9.50 0.54
CA TYR C 101 -11.31 -9.39 0.79
C TYR C 101 -11.68 -7.97 1.23
N THR C 102 -12.54 -7.32 0.44
CA THR C 102 -12.89 -5.93 0.68
C THR C 102 -14.29 -5.81 1.30
N MET C 103 -14.40 -4.98 2.34
CA MET C 103 -15.67 -4.78 3.03
C MET C 103 -16.21 -3.36 2.85
N ARG C 104 -17.41 -3.23 2.27
CA ARG C 104 -18.03 -1.91 2.09
C ARG C 104 -19.18 -1.53 3.04
N SER C 105 -19.51 -2.41 3.99
CA SER C 105 -20.63 -2.14 4.90
C SER C 105 -20.35 -2.64 6.31
N PRO C 106 -21.06 -2.08 7.32
CA PRO C 106 -20.97 -2.55 8.70
C PRO C 106 -21.24 -4.05 8.86
N GLN C 107 -22.23 -4.56 8.14
CA GLN C 107 -22.56 -5.98 8.25
C GLN C 107 -21.41 -6.83 7.77
N GLU C 108 -20.81 -6.45 6.64
CA GLU C 108 -19.71 -7.22 6.06
C GLU C 108 -18.51 -7.20 6.98
N TRP C 109 -18.27 -6.04 7.58
CA TRP C 109 -17.21 -5.87 8.56
C TRP C 109 -17.45 -6.76 9.78
N ASP C 110 -18.65 -6.67 10.37
CA ASP C 110 -18.98 -7.43 11.57
C ASP C 110 -19.01 -8.93 11.32
N ARG C 111 -19.50 -9.33 10.16
CA ARG C 111 -19.56 -10.73 9.80
C ARG C 111 -18.15 -11.28 9.68
N PHE C 112 -17.26 -10.47 9.14
CA PHE C 112 -15.88 -10.90 8.95
C PHE C 112 -15.13 -11.03 10.28
N ILE C 113 -15.38 -10.10 11.20
CA ILE C 113 -14.71 -10.15 12.50
C ILE C 113 -15.10 -11.38 13.31
N ARG C 114 -16.38 -11.74 13.27
CA ARG C 114 -16.84 -12.95 13.94
C ARG C 114 -16.09 -14.15 13.39
N PHE C 115 -15.91 -14.20 12.08
CA PHE C 115 -15.13 -15.27 11.48
C PHE C 115 -13.66 -15.24 11.92
N MET C 116 -13.08 -14.07 11.86
CA MET C 116 -11.67 -13.92 12.16
C MET C 116 -11.43 -14.31 13.62
N ASP C 117 -12.38 -13.97 14.47
CA ASP C 117 -12.34 -14.34 15.88
C ASP C 117 -12.31 -15.88 16.01
N ARG C 118 -13.23 -16.56 15.34
CA ARG C 118 -13.29 -18.03 15.42
C ARG C 118 -12.06 -18.73 14.83
N TYR C 119 -11.55 -18.18 13.73
CA TYR C 119 -10.41 -18.78 13.07
C TYR C 119 -9.16 -18.69 13.94
N ALA C 120 -8.89 -17.47 14.42
CA ALA C 120 -7.69 -17.20 15.22
C ALA C 120 -7.68 -17.98 16.53
N ALA C 121 -8.87 -18.21 17.08
CA ALA C 121 -8.98 -19.00 18.31
C ALA C 121 -8.70 -20.49 18.09
N SER C 122 -9.04 -21.02 16.91
CA SER C 122 -8.78 -22.43 16.66
C SER C 122 -7.45 -22.62 15.96
N HIS C 123 -6.87 -21.49 15.57
CA HIS C 123 -5.53 -21.42 14.98
C HIS C 123 -4.35 -20.87 15.80
N GLY C 124 -4.52 -20.75 17.11
CA GLY C 124 -3.54 -20.12 17.98
C GLY C 124 -2.24 -20.85 18.27
N LEU C 125 -1.56 -20.45 19.33
CA LEU C 125 -0.23 -20.96 19.61
C LEU C 125 -0.31 -22.35 20.22
N GLY C 126 -1.28 -22.51 21.12
CA GLY C 126 -1.65 -23.79 21.66
C GLY C 126 -3.07 -24.09 21.25
N MET D 21 -16.17 -1.58 24.87
CA MET D 21 -15.17 -0.49 24.94
C MET D 21 -13.74 -1.00 24.87
N ALA D 22 -13.08 -0.79 23.75
CA ALA D 22 -11.68 -1.18 23.59
C ALA D 22 -10.97 -0.06 22.86
N GLU D 23 -9.83 0.38 23.41
CA GLU D 23 -9.06 1.50 22.82
C GLU D 23 -7.55 1.27 22.86
N ILE D 24 -6.84 2.12 22.12
CA ILE D 24 -5.38 2.13 22.12
C ILE D 24 -4.89 3.45 22.67
N GLN D 25 -3.89 3.40 23.55
CA GLN D 25 -3.33 4.61 24.16
C GLN D 25 -1.81 4.67 24.03
N PHE D 26 -1.30 5.85 23.65
CA PHE D 26 0.11 6.17 23.76
C PHE D 26 0.53 6.81 25.08
N ILE D 27 -0.36 7.60 25.65
CA ILE D 27 -0.21 8.12 26.99
C ILE D 27 -1.38 7.56 27.77
N ARG D 28 -1.06 6.86 28.85
CA ARG D 28 -2.08 6.16 29.63
C ARG D 28 -3.20 7.11 30.09
N GLY D 29 -4.43 6.68 29.83
CA GLY D 29 -5.59 7.47 30.15
C GLY D 29 -6.08 8.28 28.97
N ILE D 30 -5.30 8.32 27.90
CA ILE D 30 -5.70 9.07 26.70
C ILE D 30 -5.87 8.18 25.47
N ASN D 31 -7.11 8.09 24.99
CA ASN D 31 -7.42 7.27 23.81
C ASN D 31 -6.91 7.91 22.52
N GLU D 32 -6.19 7.15 21.73
CA GLU D 32 -5.70 7.62 20.44
C GLU D 32 -6.84 7.56 19.42
N GLU D 33 -7.05 8.64 18.69
CA GLU D 33 -8.12 8.69 17.69
C GLU D 33 -7.76 8.01 16.38
N VAL D 34 -6.49 8.04 15.99
CA VAL D 34 -6.10 7.44 14.73
C VAL D 34 -6.12 5.91 14.80
N VAL D 35 -6.78 5.30 13.82
CA VAL D 35 -6.87 3.85 13.71
C VAL D 35 -5.70 3.29 12.91
N PRO D 36 -4.98 2.31 13.48
CA PRO D 36 -3.78 1.77 12.83
C PRO D 36 -4.05 0.73 11.73
N ASP D 37 -3.09 0.55 10.82
CA ASP D 37 -3.03 -0.68 10.04
C ASP D 37 -2.44 -1.76 10.91
N VAL D 38 -2.99 -2.97 10.83
CA VAL D 38 -2.53 -4.05 11.70
C VAL D 38 -2.11 -5.28 10.91
N ARG D 39 -0.89 -5.74 11.15
CA ARG D 39 -0.44 -6.98 10.52
C ARG D 39 -0.17 -8.06 11.59
N LEU D 40 -0.77 -9.23 11.37
CA LEU D 40 -0.73 -10.33 12.33
C LEU D 40 -0.10 -11.56 11.71
N THR D 41 0.92 -12.08 12.38
CA THR D 41 1.63 -13.26 11.90
C THR D 41 1.67 -14.36 12.95
N ARG D 42 1.92 -15.58 12.51
CA ARG D 42 2.05 -16.73 13.37
C ARG D 42 3.25 -17.53 12.88
N ALA D 43 4.09 -18.00 13.80
CA ALA D 43 5.25 -18.81 13.43
C ALA D 43 4.82 -20.14 12.82
N ARG D 44 5.63 -20.64 11.89
CA ARG D 44 5.33 -21.84 11.09
C ARG D 44 5.04 -23.04 11.99
N ASP D 45 5.80 -23.14 13.09
CA ASP D 45 5.69 -24.26 14.04
C ASP D 45 4.71 -24.00 15.18
N GLY D 46 4.08 -22.84 15.18
CA GLY D 46 3.11 -22.50 16.20
C GLY D 46 3.67 -22.03 17.54
N SER D 47 4.98 -21.73 17.60
CA SER D 47 5.61 -21.36 18.86
C SER D 47 5.36 -19.92 19.30
N SER D 48 5.29 -19.01 18.33
CA SER D 48 5.10 -17.59 18.62
C SER D 48 4.26 -16.88 17.54
N GLY D 49 3.82 -15.66 17.84
CA GLY D 49 3.10 -14.82 16.90
C GLY D 49 3.43 -13.36 17.13
N GLN D 50 3.07 -12.52 16.17
CA GLN D 50 3.34 -11.09 16.22
C GLN D 50 2.19 -10.27 15.66
N ALA D 51 1.94 -9.13 16.30
CA ALA D 51 1.02 -8.14 15.76
C ALA D 51 1.84 -6.89 15.49
N MET D 52 1.72 -6.36 14.27
CA MET D 52 2.45 -5.15 13.91
C MET D 52 1.49 -4.01 13.58
N PHE D 53 1.81 -2.83 14.05
CA PHE D 53 0.91 -1.70 13.98
C PHE D 53 1.57 -0.51 13.28
N TYR D 54 0.85 0.13 12.35
CA TYR D 54 1.29 1.37 11.72
C TYR D 54 0.26 2.48 11.88
N PHE D 55 0.68 3.58 12.49
CA PHE D 55 -0.19 4.73 12.67
C PHE D 55 0.25 5.84 11.73
N ASP D 56 -0.69 6.30 10.91
CA ASP D 56 -0.44 7.41 10.00
C ASP D 56 -0.79 8.70 10.74
N ASN D 57 0.25 9.45 11.08
CA ASN D 57 0.11 10.72 11.82
C ASN D 57 -0.87 10.70 13.02
N PRO D 58 -0.55 9.88 14.05
CA PRO D 58 -1.45 9.77 15.23
C PRO D 58 -1.52 11.06 16.05
N LYS D 59 -2.63 11.27 16.74
CA LYS D 59 -2.80 12.48 17.55
C LYS D 59 -1.67 12.74 18.53
N ILE D 60 -1.05 11.69 19.08
CA ILE D 60 0.02 11.90 20.05
C ILE D 60 1.18 12.65 19.40
N VAL D 61 1.37 12.45 18.10
CA VAL D 61 2.40 13.20 17.38
C VAL D 61 1.88 14.58 16.96
N GLN D 62 0.60 14.66 16.57
CA GLN D 62 0.07 15.92 16.05
C GLN D 62 -0.09 17.03 17.09
N GLU D 63 -0.45 16.67 18.31
CA GLU D 63 -0.80 17.65 19.34
C GLU D 63 0.23 17.95 20.44
N GLY D 64 1.42 17.36 20.35
CA GLY D 64 2.46 17.65 21.32
C GLY D 64 3.78 17.02 20.91
N ASN D 65 4.85 17.37 21.61
CA ASN D 65 6.19 16.84 21.32
C ASN D 65 6.60 15.69 22.24
N LEU D 66 5.65 15.19 23.02
CA LEU D 66 5.91 14.16 24.03
C LEU D 66 6.51 12.90 23.40
N GLU D 67 7.51 12.30 24.03
CA GLU D 67 8.07 11.05 23.50
C GLU D 67 7.23 9.82 23.86
N VAL D 68 6.97 8.97 22.85
CA VAL D 68 6.22 7.74 23.08
C VAL D 68 7.13 6.59 23.50
N THR D 69 6.93 6.08 24.72
CA THR D 69 7.66 4.93 25.25
C THR D 69 6.85 3.65 25.18
N GLY D 70 5.58 3.74 24.84
CA GLY D 70 4.77 2.54 24.80
C GLY D 70 3.39 2.65 24.20
N MET D 71 2.82 1.48 23.93
CA MET D 71 1.47 1.37 23.42
C MET D 71 0.64 0.51 24.36
N TYR D 72 -0.51 1.04 24.75
CA TYR D 72 -1.35 0.37 25.73
C TYR D 72 -2.66 -0.07 25.10
N MET D 73 -2.90 -1.38 25.12
CA MET D 73 -4.15 -1.94 24.61
C MET D 73 -5.12 -2.15 25.77
N VAL D 74 -6.16 -1.34 25.80
CA VAL D 74 -7.06 -1.22 26.95
C VAL D 74 -8.48 -1.63 26.61
N ASP D 75 -9.03 -2.58 27.38
CA ASP D 75 -10.42 -3.00 27.25
C ASP D 75 -11.01 -3.31 28.63
N GLU D 76 -12.20 -3.89 28.65
CA GLU D 76 -12.93 -4.17 29.91
C GLU D 76 -12.21 -5.15 30.79
N GLU D 77 -11.35 -5.94 30.15
CA GLU D 77 -10.61 -7.03 30.79
C GLU D 77 -9.28 -6.52 31.35
N GLY D 78 -8.96 -5.24 31.16
CA GLY D 78 -7.65 -4.75 31.54
C GLY D 78 -6.78 -4.27 30.39
N GLU D 79 -5.47 -4.18 30.65
CA GLU D 79 -4.53 -3.72 29.64
C GLU D 79 -3.59 -4.85 29.16
N ILE D 80 -3.15 -4.72 27.90
CA ILE D 80 -1.99 -5.42 27.32
C ILE D 80 -1.04 -4.35 26.84
N VAL D 81 0.26 -4.50 27.10
CA VAL D 81 1.23 -3.43 26.81
C VAL D 81 2.44 -3.92 26.02
N THR D 82 2.89 -3.12 25.06
CA THR D 82 4.19 -3.34 24.43
C THR D 82 5.02 -2.08 24.49
N ARG D 83 6.30 -2.25 24.83
CA ARG D 83 7.20 -1.11 24.85
C ARG D 83 8.03 -1.03 23.57
N ASP D 84 7.80 -1.95 22.65
CA ASP D 84 8.56 -1.93 21.42
C ASP D 84 7.74 -1.04 20.46
N VAL D 85 8.14 0.24 20.40
CA VAL D 85 7.40 1.31 19.74
C VAL D 85 8.43 2.32 19.25
N ASN D 86 8.28 2.83 18.04
CA ASN D 86 9.30 3.75 17.53
C ASN D 86 8.69 4.81 16.62
N ALA D 87 9.26 6.01 16.60
CA ALA D 87 8.78 7.00 15.64
C ALA D 87 9.25 6.57 14.27
N LYS D 88 8.41 6.82 13.27
CA LYS D 88 8.70 6.49 11.88
C LYS D 88 8.89 7.78 11.09
N PHE D 89 9.99 7.87 10.38
CA PHE D 89 10.33 9.08 9.64
C PHE D 89 9.88 8.95 8.18
N ILE D 90 9.31 10.03 7.64
CA ILE D 90 8.95 10.12 6.23
C ILE D 90 9.50 11.42 5.67
N ASN D 91 10.36 11.30 4.66
CA ASN D 91 11.07 12.45 4.11
C ASN D 91 11.75 13.31 5.19
N GLY D 92 12.35 12.62 6.17
CA GLY D 92 13.13 13.26 7.21
C GLY D 92 12.36 13.73 8.44
N GLN D 93 11.05 13.48 8.46
CA GLN D 93 10.22 13.97 9.55
C GLN D 93 9.49 12.84 10.26
N PRO D 94 9.53 12.87 11.61
CA PRO D 94 8.86 11.85 12.43
C PRO D 94 7.36 12.09 12.46
N VAL D 95 6.64 11.69 11.40
CA VAL D 95 5.20 11.94 11.35
C VAL D 95 4.37 10.77 11.81
N ALA D 96 4.98 9.60 12.01
CA ALA D 96 4.22 8.37 12.22
C ALA D 96 4.78 7.51 13.34
N ILE D 97 3.98 6.50 13.74
CA ILE D 97 4.39 5.53 14.75
C ILE D 97 4.22 4.06 14.36
N GLU D 98 5.23 3.26 14.68
CA GLU D 98 5.21 1.80 14.52
C GLU D 98 5.36 1.09 15.87
N ALA D 99 4.62 -0.01 16.04
CA ALA D 99 4.71 -0.83 17.25
C ALA D 99 4.64 -2.31 16.92
N THR D 100 5.36 -3.11 17.68
CA THR D 100 5.34 -4.57 17.56
C THR D 100 5.05 -5.24 18.92
N TYR D 101 4.07 -6.14 18.94
CA TYR D 101 3.78 -6.90 20.15
C TYR D 101 3.89 -8.40 19.90
N THR D 102 4.80 -9.05 20.62
CA THR D 102 5.09 -10.46 20.41
C THR D 102 4.46 -11.35 21.46
N MET D 103 3.80 -12.40 21.03
CA MET D 103 3.13 -13.31 21.94
C MET D 103 3.81 -14.67 21.93
N ARG D 104 4.23 -15.12 23.11
CA ARG D 104 4.83 -16.46 23.26
C ARG D 104 4.02 -17.60 23.88
N SER D 105 2.76 -17.37 24.22
CA SER D 105 2.00 -18.46 24.82
C SER D 105 0.55 -18.44 24.36
N PRO D 106 -0.10 -19.59 24.40
CA PRO D 106 -1.53 -19.71 24.08
C PRO D 106 -2.36 -18.69 24.85
N GLN D 107 -2.01 -18.49 26.11
CA GLN D 107 -2.71 -17.55 26.97
C GLN D 107 -2.55 -16.11 26.50
N GLU D 108 -1.34 -15.74 26.07
CA GLU D 108 -1.09 -14.39 25.57
C GLU D 108 -1.78 -14.13 24.23
N TRP D 109 -1.69 -15.13 23.35
CA TRP D 109 -2.35 -15.10 22.06
C TRP D 109 -3.85 -14.93 22.23
N ASP D 110 -4.45 -15.75 23.08
CA ASP D 110 -5.89 -15.69 23.29
C ASP D 110 -6.33 -14.38 23.89
N ARG D 111 -5.54 -13.85 24.82
CA ARG D 111 -5.90 -12.59 25.45
C ARG D 111 -5.87 -11.45 24.40
N PHE D 112 -4.90 -11.52 23.49
CA PHE D 112 -4.76 -10.48 22.50
C PHE D 112 -5.90 -10.52 21.48
N ILE D 113 -6.34 -11.72 21.11
CA ILE D 113 -7.44 -11.86 20.18
C ILE D 113 -8.73 -11.32 20.74
N ARG D 114 -8.95 -11.55 22.03
CA ARG D 114 -10.14 -11.00 22.66
C ARG D 114 -10.10 -9.48 22.53
N PHE D 115 -8.92 -8.90 22.73
CA PHE D 115 -8.77 -7.46 22.58
C PHE D 115 -9.06 -6.99 21.15
N MET D 116 -8.48 -7.66 20.17
CA MET D 116 -8.63 -7.22 18.78
C MET D 116 -10.08 -7.29 18.36
N ASP D 117 -10.78 -8.33 18.82
CA ASP D 117 -12.20 -8.54 18.55
C ASP D 117 -12.97 -7.33 19.06
N ARG D 118 -12.73 -6.94 20.31
CA ARG D 118 -13.41 -5.80 20.89
C ARG D 118 -13.02 -4.47 20.22
N TYR D 119 -11.74 -4.32 19.90
CA TYR D 119 -11.27 -3.09 19.26
C TYR D 119 -11.82 -2.98 17.84
N ALA D 120 -11.62 -4.04 17.07
CA ALA D 120 -12.02 -4.05 15.67
C ALA D 120 -13.53 -3.93 15.51
N ALA D 121 -14.28 -4.48 16.47
CA ALA D 121 -15.73 -4.36 16.42
C ALA D 121 -16.23 -2.95 16.70
N SER D 122 -15.52 -2.21 17.55
CA SER D 122 -15.94 -0.86 17.90
C SER D 122 -15.29 0.20 17.00
N HIS D 123 -14.34 -0.24 16.19
CA HIS D 123 -13.72 0.61 15.17
C HIS D 123 -14.15 0.37 13.73
N GLY D 124 -15.26 -0.34 13.54
CA GLY D 124 -15.72 -0.74 12.23
C GLY D 124 -16.27 0.38 11.36
N LEU D 125 -17.00 -0.03 10.33
CA LEU D 125 -17.46 0.85 9.27
C LEU D 125 -18.73 1.68 9.55
N GLY D 126 -18.84 2.82 8.87
CA GLY D 126 -20.03 3.65 8.91
C GLY D 126 -20.73 3.71 7.56
#